data_9J9D
#
_entry.id   9J9D
#
_cell.length_a   42.455
_cell.length_b   75.677
_cell.length_c   89.625
_cell.angle_alpha   90.000
_cell.angle_beta   90.000
_cell.angle_gamma   90.000
#
_symmetry.space_group_name_H-M   'P 21 21 21'
#
loop_
_entity.id
_entity.type
_entity.pdbx_description
1 polymer 'TGF-beta receptor type-1'
2 non-polymer 2-((1-(but-2-yn-1-yl)-1H-pyrazol-4-yl)(cyclopropylmethyl)amino)-5-(4-(dimethylcarbamoyl)-1H-pyrrol-2-yl)thiazole-4-carboxamide
3 non-polymer 1,2-ETHANEDIOL
4 water water
#
_entity_poly.entity_id   1
_entity_poly.type   'polypeptide(L)'
_entity_poly.pdbx_seq_one_letter_code
;GATIARTIVLQESIGKGRFGEVWRGKWRGEEVAVKIFSSREERSWFREAEIYQTVMLRHENILGFIAADNKDNGTWTQLW
LVSDYHEHGSLFDYLNRYTVTVEGMIKLALSTASGLAHLHMEIVGTQGKPAIAHRDLKSKNILVKKNGTCCIADLGLAVR
HDSATDTIDIAPNHRVGTKRYMAPEVLDDSINMKHFESFKRADIYAMGLVFWEIARRCSIGGIHEDYQLPYYDLVPSDPS
VEEMRKVVCEQKLRPNIPNRWQSCEALRVMAKIMRECWYANGAARLTALRIKKTLSQLSQQEGIKM
;
_entity_poly.pdbx_strand_id   A
#
loop_
_chem_comp.id
_chem_comp.type
_chem_comp.name
_chem_comp.formula
A1L30 non-polymer 2-((1-(but-2-yn-1-yl)-1H-pyrazol-4-yl)(cyclopropylmethyl)amino)-5-(4-(dimethylcarbamoyl)-1H-pyrrol-2-yl)thiazole-4-carboxamide 'C22 H25 N7 O2 S'
EDO non-polymer 1,2-ETHANEDIOL 'C2 H6 O2'
#
# COMPACT_ATOMS: atom_id res chain seq x y z
N ALA A 5 4.03 26.02 2.25
CA ALA A 5 5.29 25.74 2.97
C ALA A 5 5.70 26.95 3.83
N ARG A 6 5.50 28.17 3.30
CA ARG A 6 5.86 29.46 3.94
C ARG A 6 5.29 29.55 5.36
N THR A 7 4.09 29.00 5.60
CA THR A 7 3.29 29.19 6.84
C THR A 7 3.16 27.88 7.64
N ILE A 8 3.97 26.86 7.34
CA ILE A 8 3.97 25.58 8.11
C ILE A 8 5.18 25.58 9.05
N VAL A 9 4.97 25.15 10.29
CA VAL A 9 6.04 25.00 11.32
C VAL A 9 6.23 23.51 11.59
N LEU A 10 7.44 22.99 11.34
CA LEU A 10 7.81 21.59 11.60
C LEU A 10 8.01 21.41 13.11
N GLN A 11 7.47 20.32 13.66
CA GLN A 11 7.40 20.07 15.13
C GLN A 11 8.14 18.80 15.53
N GLU A 12 8.08 17.74 14.72
CA GLU A 12 8.50 16.38 15.13
C GLU A 12 8.86 15.55 13.90
N SER A 13 10.02 14.88 13.95
CA SER A 13 10.46 13.87 12.95
C SER A 13 9.57 12.63 13.09
N ILE A 14 8.86 12.23 12.02
CA ILE A 14 7.95 11.05 12.05
C ILE A 14 8.36 10.04 10.97
N GLY A 15 9.68 9.95 10.67
CA GLY A 15 10.28 8.85 9.89
C GLY A 15 10.82 9.30 8.54
N PHE A 19 13.29 8.08 -0.32
CA PHE A 19 13.69 9.48 -0.66
C PHE A 19 13.00 10.46 0.29
N GLY A 20 13.74 11.44 0.78
CA GLY A 20 13.23 12.51 1.66
C GLY A 20 13.03 12.05 3.09
N GLU A 21 12.47 12.92 3.92
CA GLU A 21 12.22 12.70 5.38
C GLU A 21 10.86 13.30 5.73
N VAL A 22 10.14 12.70 6.68
CA VAL A 22 8.73 13.07 7.00
C VAL A 22 8.68 13.74 8.37
N TRP A 23 7.89 14.81 8.45
CA TRP A 23 7.72 15.66 9.65
C TRP A 23 6.23 15.85 9.95
N ARG A 24 5.89 15.89 11.23
CA ARG A 24 4.61 16.46 11.71
C ARG A 24 4.77 17.98 11.76
N GLY A 25 3.93 18.69 11.03
CA GLY A 25 3.94 20.17 10.98
C GLY A 25 2.61 20.72 11.43
N LYS A 26 2.56 22.03 11.65
CA LYS A 26 1.31 22.76 11.97
C LYS A 26 1.10 23.84 10.91
N TRP A 27 -0.09 23.83 10.31
CA TRP A 27 -0.57 24.90 9.39
CA TRP A 27 -0.60 24.87 9.37
C TRP A 27 -1.77 25.59 10.05
N ARG A 28 -1.56 26.79 10.58
CA ARG A 28 -2.55 27.57 11.36
C ARG A 28 -3.05 26.72 12.54
N GLY A 29 -2.16 25.94 13.16
CA GLY A 29 -2.47 25.13 14.35
C GLY A 29 -3.04 23.76 13.99
N GLU A 30 -3.30 23.48 12.71
CA GLU A 30 -3.79 22.16 12.21
C GLU A 30 -2.59 21.28 11.87
N GLU A 31 -2.57 20.05 12.39
CA GLU A 31 -1.50 19.06 12.09
C GLU A 31 -1.56 18.72 10.60
N VAL A 32 -0.40 18.72 9.93
CA VAL A 32 -0.20 18.21 8.56
C VAL A 32 1.05 17.31 8.59
N ALA A 33 1.20 16.45 7.59
CA ALA A 33 2.46 15.70 7.37
C ALA A 33 3.20 16.34 6.21
N VAL A 34 4.52 16.48 6.34
CA VAL A 34 5.38 17.09 5.30
C VAL A 34 6.50 16.10 4.98
N LYS A 35 6.60 15.68 3.73
CA LYS A 35 7.79 14.93 3.23
C LYS A 35 8.71 15.94 2.55
N ILE A 36 9.95 16.04 3.03
CA ILE A 36 10.94 17.04 2.56
C ILE A 36 12.03 16.31 1.77
N PHE A 37 12.31 16.82 0.56
CA PHE A 37 13.37 16.34 -0.36
C PHE A 37 14.42 17.44 -0.50
N SER A 38 15.67 17.04 -0.76
CA SER A 38 16.77 17.98 -1.11
C SER A 38 16.70 18.31 -2.61
N SER A 39 17.46 19.32 -3.03
CA SER A 39 17.57 19.80 -4.44
C SER A 39 17.95 18.63 -5.36
N ARG A 40 18.82 17.74 -4.90
CA ARG A 40 19.35 16.64 -5.75
C ARG A 40 18.32 15.51 -5.86
N GLU A 41 17.20 15.58 -5.12
CA GLU A 41 16.09 14.59 -5.16
C GLU A 41 14.91 15.18 -5.95
N GLU A 42 15.13 16.22 -6.75
CA GLU A 42 14.03 16.94 -7.47
C GLU A 42 13.23 15.96 -8.35
N ARG A 43 13.89 15.02 -9.01
CA ARG A 43 13.18 14.09 -9.96
C ARG A 43 12.19 13.23 -9.18
N SER A 44 12.56 12.73 -8.00
CA SER A 44 11.68 11.88 -7.16
C SER A 44 10.52 12.72 -6.61
N TRP A 45 10.82 13.93 -6.13
CA TRP A 45 9.80 14.88 -5.62
C TRP A 45 8.80 15.22 -6.74
N PHE A 46 9.31 15.60 -7.91
CA PHE A 46 8.46 16.03 -9.04
C PHE A 46 7.54 14.87 -9.46
N ARG A 47 8.11 13.67 -9.60
CA ARG A 47 7.33 12.49 -10.05
C ARG A 47 6.21 12.20 -9.04
N GLU A 48 6.50 12.24 -7.74
CA GLU A 48 5.47 11.96 -6.72
C GLU A 48 4.40 13.06 -6.73
N ALA A 49 4.81 14.34 -6.86
CA ALA A 49 3.88 15.48 -7.02
C ALA A 49 2.97 15.23 -8.23
N GLU A 50 3.56 14.79 -9.34
CA GLU A 50 2.82 14.49 -10.61
C GLU A 50 1.76 13.42 -10.34
N ILE A 51 2.12 12.31 -9.69
CA ILE A 51 1.16 11.20 -9.43
C ILE A 51 0.01 11.75 -8.57
N TYR A 52 0.32 12.47 -7.50
CA TYR A 52 -0.72 12.99 -6.56
C TYR A 52 -1.65 13.98 -7.26
N GLN A 53 -1.18 14.66 -8.31
CA GLN A 53 -2.00 15.68 -9.02
C GLN A 53 -2.78 15.05 -10.17
N THR A 54 -2.75 13.72 -10.32
CA THR A 54 -3.55 12.99 -11.34
C THR A 54 -5.02 13.40 -11.20
N VAL A 55 -5.67 13.70 -12.32
CA VAL A 55 -7.11 14.06 -12.36
C VAL A 55 -7.92 12.95 -11.67
N MET A 56 -8.83 13.35 -10.78
CA MET A 56 -9.81 12.47 -10.09
C MET A 56 -9.12 11.39 -9.25
N LEU A 57 -7.90 11.66 -8.75
CA LEU A 57 -7.19 10.69 -7.88
C LEU A 57 -7.84 10.64 -6.48
N ARG A 58 -8.33 11.77 -5.96
CA ARG A 58 -8.73 11.87 -4.53
C ARG A 58 -9.74 10.77 -4.19
N HIS A 59 -9.52 10.11 -3.06
CA HIS A 59 -10.30 8.94 -2.60
C HIS A 59 -10.02 8.75 -1.11
N GLU A 60 -11.00 8.30 -0.34
CA GLU A 60 -10.87 8.17 1.15
CA GLU A 60 -10.85 8.20 1.14
C GLU A 60 -9.71 7.23 1.50
N ASN A 61 -9.32 6.33 0.59
CA ASN A 61 -8.26 5.32 0.89
C ASN A 61 -6.96 5.63 0.13
N ILE A 62 -6.79 6.86 -0.35
CA ILE A 62 -5.51 7.41 -0.86
C ILE A 62 -5.15 8.60 0.01
N LEU A 63 -3.89 8.69 0.48
CA LEU A 63 -3.46 9.81 1.35
C LEU A 63 -3.84 11.13 0.68
N GLY A 64 -4.49 12.02 1.45
CA GLY A 64 -5.01 13.32 0.97
C GLY A 64 -3.89 14.30 0.69
N PHE A 65 -3.69 14.65 -0.57
CA PHE A 65 -2.68 15.63 -1.04
C PHE A 65 -3.13 17.04 -0.65
N ILE A 66 -2.21 17.86 -0.14
CA ILE A 66 -2.48 19.30 0.14
C ILE A 66 -1.69 20.15 -0.85
N ALA A 67 -0.38 19.93 -0.98
CA ALA A 67 0.47 20.81 -1.82
C ALA A 67 1.81 20.16 -2.13
N ALA A 68 2.36 20.51 -3.29
CA ALA A 68 3.79 20.43 -3.64
C ALA A 68 4.31 21.87 -3.64
N ASP A 69 5.43 22.15 -2.97
CA ASP A 69 5.93 23.54 -2.87
C ASP A 69 7.45 23.51 -2.67
N ASN A 70 8.07 24.69 -2.73
CA ASN A 70 9.51 24.93 -2.44
C ASN A 70 9.60 25.80 -1.17
N LYS A 71 10.65 25.62 -0.38
CA LYS A 71 10.93 26.52 0.78
C LYS A 71 12.43 26.82 0.82
N ASP A 72 12.77 28.11 0.74
CA ASP A 72 14.17 28.61 0.80
C ASP A 72 14.44 29.07 2.25
N ASN A 73 15.33 28.39 2.97
CA ASN A 73 15.64 28.75 4.37
C ASN A 73 16.70 29.85 4.42
N GLY A 74 17.24 30.27 3.27
CA GLY A 74 18.29 31.30 3.17
C GLY A 74 19.63 30.73 2.78
N THR A 75 19.82 29.41 2.88
CA THR A 75 21.06 28.69 2.49
C THR A 75 20.75 27.69 1.37
N TRP A 76 19.72 26.87 1.53
CA TRP A 76 19.34 25.85 0.52
C TRP A 76 17.81 25.81 0.36
N THR A 77 17.37 25.27 -0.78
CA THR A 77 15.94 25.08 -1.10
C THR A 77 15.52 23.67 -0.72
N GLN A 78 14.41 23.56 -0.01
CA GLN A 78 13.74 22.28 0.33
CA GLN A 78 13.74 22.28 0.34
C GLN A 78 12.56 22.08 -0.62
N LEU A 79 12.34 20.85 -1.05
CA LEU A 79 11.18 20.48 -1.89
C LEU A 79 10.18 19.73 -0.99
N TRP A 80 8.96 20.25 -0.89
CA TRP A 80 7.93 19.81 0.08
C TRP A 80 6.79 19.08 -0.61
N LEU A 81 6.33 17.98 -0.02
CA LEU A 81 5.00 17.38 -0.29
C LEU A 81 4.21 17.38 1.01
N VAL A 82 3.04 18.02 1.01
CA VAL A 82 2.21 18.21 2.22
C VAL A 82 0.94 17.36 2.07
N SER A 83 0.58 16.65 3.13
CA SER A 83 -0.62 15.77 3.17
C SER A 83 -1.39 15.95 4.47
N ASP A 84 -2.58 15.36 4.52
CA ASP A 84 -3.33 15.11 5.77
C ASP A 84 -2.41 14.42 6.77
N TYR A 85 -2.61 14.69 8.07
CA TYR A 85 -1.89 14.01 9.17
C TYR A 85 -2.80 12.94 9.78
N HIS A 86 -2.25 11.74 9.94
CA HIS A 86 -2.93 10.58 10.58
C HIS A 86 -2.10 10.13 11.79
N GLU A 87 -2.62 10.35 13.00
CA GLU A 87 -1.88 10.17 14.27
C GLU A 87 -1.35 8.73 14.42
N HIS A 88 -2.05 7.73 13.90
CA HIS A 88 -1.67 6.29 14.06
C HIS A 88 -0.42 5.97 13.23
N GLY A 89 -0.11 6.76 12.21
CA GLY A 89 1.02 6.48 11.31
C GLY A 89 0.80 5.21 10.50
N SER A 90 1.88 4.46 10.23
CA SER A 90 1.87 3.35 9.27
C SER A 90 1.13 2.14 9.83
N LEU A 91 0.53 1.36 8.93
CA LEU A 91 -0.10 0.06 9.26
C LEU A 91 0.94 -0.85 9.93
N PHE A 92 2.19 -0.81 9.48
CA PHE A 92 3.30 -1.56 10.10
C PHE A 92 3.37 -1.22 11.60
N ASP A 93 3.50 0.06 11.93
CA ASP A 93 3.62 0.51 13.35
C ASP A 93 2.34 0.13 14.11
N TYR A 94 1.16 0.34 13.51
CA TYR A 94 -0.15 0.03 14.13
C TYR A 94 -0.23 -1.46 14.49
N LEU A 95 0.11 -2.35 13.55
CA LEU A 95 0.03 -3.82 13.75
C LEU A 95 1.07 -4.29 14.77
N ASN A 96 2.18 -3.57 14.93
CA ASN A 96 3.19 -3.89 15.98
C ASN A 96 2.61 -3.55 17.36
N ARG A 97 1.87 -2.45 17.47
CA ARG A 97 1.41 -1.92 18.77
C ARG A 97 0.12 -2.62 19.22
N TYR A 98 -0.79 -2.92 18.29
CA TYR A 98 -2.19 -3.31 18.60
C TYR A 98 -2.49 -4.70 18.03
N THR A 99 -3.49 -5.37 18.63
CA THR A 99 -4.28 -6.44 18.00
C THR A 99 -5.57 -5.82 17.48
N VAL A 100 -6.27 -6.53 16.60
CA VAL A 100 -7.54 -6.04 15.98
C VAL A 100 -8.64 -7.08 16.21
N THR A 101 -9.89 -6.63 16.21
CA THR A 101 -11.09 -7.49 16.21
C THR A 101 -11.29 -8.02 14.79
N VAL A 102 -12.21 -8.97 14.60
CA VAL A 102 -12.61 -9.46 13.25
C VAL A 102 -13.08 -8.26 12.41
N GLU A 103 -13.97 -7.43 12.97
CA GLU A 103 -14.49 -6.21 12.29
CA GLU A 103 -14.48 -6.24 12.26
C GLU A 103 -13.32 -5.28 11.95
N GLY A 104 -12.38 -5.13 12.89
CA GLY A 104 -11.19 -4.27 12.73
C GLY A 104 -10.33 -4.75 11.58
N MET A 105 -10.06 -6.05 11.52
CA MET A 105 -9.27 -6.70 10.44
C MET A 105 -9.94 -6.42 9.10
N ILE A 106 -11.25 -6.67 8.99
CA ILE A 106 -11.99 -6.53 7.71
C ILE A 106 -11.92 -5.06 7.28
N LYS A 107 -12.08 -4.10 8.20
CA LYS A 107 -12.06 -2.66 7.88
CA LYS A 107 -12.04 -2.65 7.91
C LYS A 107 -10.68 -2.29 7.30
N LEU A 108 -9.59 -2.76 7.90
CA LEU A 108 -8.21 -2.48 7.41
C LEU A 108 -8.02 -3.09 6.02
N ALA A 109 -8.42 -4.34 5.83
CA ALA A 109 -8.24 -5.10 4.56
C ALA A 109 -9.12 -4.50 3.46
N LEU A 110 -10.40 -4.25 3.76
CA LEU A 110 -11.38 -3.70 2.78
C LEU A 110 -10.94 -2.30 2.34
N SER A 111 -10.52 -1.45 3.28
CA SER A 111 -10.12 -0.06 2.97
C SER A 111 -8.86 -0.07 2.09
N THR A 112 -7.88 -0.93 2.40
CA THR A 112 -6.66 -1.11 1.56
C THR A 112 -7.08 -1.55 0.14
N ALA A 113 -7.94 -2.56 0.03
CA ALA A 113 -8.40 -3.09 -1.28
C ALA A 113 -9.16 -2.00 -2.05
N SER A 114 -9.97 -1.19 -1.37
CA SER A 114 -10.75 -0.09 -1.99
CA SER A 114 -10.74 -0.10 -2.00
C SER A 114 -9.80 0.97 -2.55
N GLY A 115 -8.75 1.33 -1.79
CA GLY A 115 -7.72 2.27 -2.25
C GLY A 115 -7.01 1.74 -3.48
N LEU A 116 -6.63 0.46 -3.47
CA LEU A 116 -5.88 -0.14 -4.59
C LEU A 116 -6.79 -0.30 -5.82
N ALA A 117 -8.06 -0.69 -5.61
CA ALA A 117 -9.05 -0.81 -6.71
C ALA A 117 -9.21 0.56 -7.38
N HIS A 118 -9.26 1.63 -6.59
CA HIS A 118 -9.36 3.01 -7.12
C HIS A 118 -8.11 3.36 -7.93
N LEU A 119 -6.90 3.12 -7.39
CA LEU A 119 -5.64 3.37 -8.14
C LEU A 119 -5.71 2.64 -9.49
N HIS A 120 -6.05 1.36 -9.46
CA HIS A 120 -6.03 0.44 -10.62
C HIS A 120 -7.11 0.82 -11.65
N MET A 121 -8.19 1.47 -11.21
CA MET A 121 -9.39 1.72 -12.06
CA MET A 121 -9.39 1.74 -12.04
C MET A 121 -9.10 2.89 -13.01
N GLU A 122 -9.23 2.63 -14.31
CA GLU A 122 -9.32 3.74 -15.31
C GLU A 122 -10.74 4.31 -15.21
N ILE A 123 -10.87 5.59 -14.92
CA ILE A 123 -12.17 6.31 -15.02
C ILE A 123 -12.18 6.96 -16.39
N VAL A 124 -12.93 6.37 -17.31
CA VAL A 124 -12.89 6.71 -18.76
C VAL A 124 -13.58 8.05 -18.96
N GLY A 125 -12.94 8.92 -19.74
CA GLY A 125 -13.50 10.20 -20.19
C GLY A 125 -12.46 10.98 -20.95
N THR A 126 -12.91 12.03 -21.64
CA THR A 126 -12.04 13.12 -22.15
C THR A 126 -11.27 13.72 -20.97
N GLN A 127 -11.83 13.60 -19.76
CA GLN A 127 -11.29 14.18 -18.50
C GLN A 127 -11.17 13.11 -17.41
N GLY A 128 -10.79 11.89 -17.79
CA GLY A 128 -10.80 10.73 -16.87
C GLY A 128 -9.58 10.66 -15.99
N LYS A 129 -9.51 9.56 -15.22
CA LYS A 129 -8.34 9.18 -14.39
C LYS A 129 -7.68 7.99 -15.05
N PRO A 130 -6.35 8.04 -15.35
CA PRO A 130 -5.67 6.87 -15.87
C PRO A 130 -5.57 5.79 -14.77
N ALA A 131 -5.53 4.52 -15.18
CA ALA A 131 -5.16 3.41 -14.28
C ALA A 131 -3.74 3.67 -13.77
N ILE A 132 -3.51 3.36 -12.50
CA ILE A 132 -2.21 3.58 -11.80
C ILE A 132 -1.84 2.28 -11.08
N ALA A 133 -0.58 1.83 -11.22
CA ALA A 133 0.00 0.74 -10.40
C ALA A 133 1.02 1.37 -9.46
N HIS A 134 1.02 0.93 -8.20
CA HIS A 134 1.80 1.55 -7.09
C HIS A 134 3.29 1.15 -7.19
N ARG A 135 3.54 -0.16 -7.31
CA ARG A 135 4.87 -0.80 -7.53
CA ARG A 135 4.87 -0.79 -7.53
C ARG A 135 5.68 -0.89 -6.23
N ASP A 136 5.16 -0.41 -5.10
CA ASP A 136 5.91 -0.53 -3.82
C ASP A 136 4.94 -0.65 -2.64
N LEU A 137 3.86 -1.40 -2.79
CA LEU A 137 2.85 -1.55 -1.72
C LEU A 137 3.43 -2.41 -0.59
N LYS A 138 3.28 -1.97 0.65
CA LYS A 138 3.76 -2.69 1.86
C LYS A 138 3.08 -2.05 3.08
N SER A 139 3.14 -2.70 4.23
CA SER A 139 2.48 -2.20 5.46
C SER A 139 3.13 -0.88 5.89
N LYS A 140 4.39 -0.63 5.54
CA LYS A 140 5.10 0.63 5.94
C LYS A 140 4.63 1.83 5.11
N ASN A 141 3.92 1.67 3.98
CA ASN A 141 3.47 2.89 3.24
CA ASN A 141 3.47 2.75 3.06
C ASN A 141 1.95 2.90 3.11
N ILE A 142 1.28 2.16 3.99
CA ILE A 142 -0.18 2.30 4.23
C ILE A 142 -0.33 2.99 5.59
N LEU A 143 -1.20 3.99 5.69
CA LEU A 143 -1.43 4.75 6.94
C LEU A 143 -2.80 4.37 7.51
N VAL A 144 -2.93 4.38 8.83
CA VAL A 144 -4.21 4.05 9.52
C VAL A 144 -4.82 5.37 10.01
N LYS A 145 -6.03 5.67 9.56
CA LYS A 145 -6.78 6.88 9.98
C LYS A 145 -7.42 6.64 11.35
N LYS A 146 -7.88 7.72 12.00
CA LYS A 146 -8.53 7.67 13.34
C LYS A 146 -9.75 6.74 13.31
N ASN A 147 -10.46 6.65 12.18
CA ASN A 147 -11.71 5.86 12.04
C ASN A 147 -11.38 4.37 11.77
N GLY A 148 -10.10 3.99 11.79
CA GLY A 148 -9.67 2.57 11.69
C GLY A 148 -9.67 2.06 10.26
N THR A 149 -9.76 2.95 9.28
CA THR A 149 -9.60 2.63 7.84
C THR A 149 -8.19 3.05 7.40
N CYS A 150 -7.73 2.51 6.28
CA CYS A 150 -6.36 2.71 5.73
C CYS A 150 -6.40 3.69 4.56
N CYS A 151 -5.28 4.37 4.32
CA CYS A 151 -5.05 5.07 3.04
C CYS A 151 -3.62 4.81 2.56
N ILE A 152 -3.47 4.70 1.24
CA ILE A 152 -2.19 4.33 0.59
C ILE A 152 -1.38 5.61 0.35
N ALA A 153 -0.08 5.57 0.66
CA ALA A 153 0.87 6.69 0.52
C ALA A 153 2.12 6.24 -0.27
N ASP A 154 3.12 7.11 -0.36
CA ASP A 154 4.41 6.89 -1.07
C ASP A 154 4.13 6.41 -2.50
N LEU A 155 3.57 7.30 -3.32
CA LEU A 155 3.16 7.01 -4.72
C LEU A 155 4.29 7.32 -5.72
N GLY A 156 5.51 7.58 -5.24
CA GLY A 156 6.62 8.08 -6.08
C GLY A 156 7.07 7.09 -7.14
N LEU A 157 6.86 5.79 -6.94
CA LEU A 157 7.30 4.74 -7.90
C LEU A 157 6.14 4.31 -8.81
N ALA A 158 4.98 4.94 -8.70
CA ALA A 158 3.77 4.54 -9.45
C ALA A 158 3.98 4.71 -10.96
N VAL A 159 3.26 3.93 -11.75
CA VAL A 159 3.22 4.06 -13.24
C VAL A 159 1.77 4.27 -13.64
N ARG A 160 1.54 5.05 -14.69
CA ARG A 160 0.17 5.38 -15.16
C ARG A 160 -0.01 4.86 -16.59
N HIS A 161 -1.22 4.41 -16.89
CA HIS A 161 -1.60 3.71 -18.14
C HIS A 161 -2.29 4.69 -19.10
N ASP A 162 -1.82 4.74 -20.35
CA ASP A 162 -2.58 5.34 -21.48
C ASP A 162 -3.33 4.20 -22.20
N SER A 163 -4.63 4.09 -21.95
CA SER A 163 -5.50 2.97 -22.42
C SER A 163 -5.66 3.00 -23.94
N ALA A 164 -5.57 4.17 -24.56
CA ALA A 164 -5.72 4.37 -26.02
C ALA A 164 -4.65 3.57 -26.76
N THR A 165 -3.40 3.59 -26.29
CA THR A 165 -2.22 2.98 -26.95
C THR A 165 -1.69 1.77 -26.18
N ASP A 166 -2.21 1.50 -24.98
CA ASP A 166 -1.72 0.44 -24.05
C ASP A 166 -0.23 0.66 -23.80
N THR A 167 0.14 1.87 -23.37
CA THR A 167 1.53 2.27 -23.02
C THR A 167 1.54 2.80 -21.59
N ILE A 168 2.75 2.96 -21.03
CA ILE A 168 3.00 3.45 -19.65
C ILE A 168 3.69 4.81 -19.77
N ASP A 169 3.44 5.71 -18.82
CA ASP A 169 3.78 7.15 -18.94
C ASP A 169 5.27 7.38 -18.70
N ILE A 170 5.99 6.41 -18.13
CA ILE A 170 7.47 6.45 -17.94
C ILE A 170 8.07 5.13 -18.45
N ALA A 171 9.39 5.08 -18.60
CA ALA A 171 10.17 3.86 -18.94
C ALA A 171 10.59 3.18 -17.64
N PRO A 172 9.84 2.16 -17.15
CA PRO A 172 10.07 1.59 -15.84
C PRO A 172 11.44 0.90 -15.72
N ARG A 175 13.23 -3.59 -10.93
CA ARG A 175 13.30 -3.98 -9.49
C ARG A 175 13.51 -2.72 -8.64
N VAL A 176 12.51 -1.85 -8.58
CA VAL A 176 12.60 -0.47 -7.99
C VAL A 176 12.22 -0.49 -6.51
N GLY A 177 11.26 -1.34 -6.12
CA GLY A 177 10.58 -1.26 -4.81
C GLY A 177 11.28 -2.06 -3.72
N THR A 178 10.53 -2.40 -2.67
CA THR A 178 11.01 -3.11 -1.46
C THR A 178 11.17 -4.60 -1.80
N LYS A 179 12.37 -5.15 -1.59
CA LYS A 179 12.72 -6.50 -2.09
C LYS A 179 11.80 -7.56 -1.45
N ARG A 180 11.51 -7.44 -0.16
CA ARG A 180 10.68 -8.43 0.58
C ARG A 180 9.31 -8.60 -0.09
N TYR A 181 8.73 -7.54 -0.65
CA TYR A 181 7.34 -7.54 -1.18
C TYR A 181 7.34 -7.68 -2.71
N MET A 182 8.50 -7.86 -3.35
CA MET A 182 8.57 -7.93 -4.83
C MET A 182 7.85 -9.20 -5.30
N ALA A 183 7.02 -9.07 -6.34
CA ALA A 183 6.28 -10.18 -6.95
C ALA A 183 7.27 -11.18 -7.54
N PRO A 184 6.91 -12.48 -7.60
CA PRO A 184 7.77 -13.50 -8.18
C PRO A 184 8.37 -13.10 -9.54
N GLU A 185 7.54 -12.54 -10.42
CA GLU A 185 7.91 -12.15 -11.81
C GLU A 185 8.85 -10.93 -11.79
N VAL A 186 8.85 -10.14 -10.71
CA VAL A 186 9.81 -9.02 -10.52
C VAL A 186 11.15 -9.60 -10.03
N LEU A 187 11.11 -10.54 -9.09
CA LEU A 187 12.32 -11.18 -8.49
C LEU A 187 13.12 -11.92 -9.57
N ASP A 188 12.47 -12.62 -10.50
CA ASP A 188 13.16 -13.42 -11.54
C ASP A 188 13.26 -12.60 -12.84
N ASP A 189 12.75 -11.35 -12.83
CA ASP A 189 12.90 -10.35 -13.92
C ASP A 189 12.20 -10.83 -15.21
N SER A 190 11.19 -11.70 -15.09
CA SER A 190 10.42 -12.24 -16.23
C SER A 190 9.23 -11.32 -16.57
N ILE A 191 8.92 -10.36 -15.69
CA ILE A 191 7.79 -9.41 -15.88
C ILE A 191 8.00 -8.65 -17.19
N ASN A 192 6.93 -8.52 -17.99
CA ASN A 192 6.89 -7.67 -19.21
C ASN A 192 6.64 -6.22 -18.77
N MET A 193 7.69 -5.40 -18.78
CA MET A 193 7.66 -4.02 -18.22
C MET A 193 7.03 -3.04 -19.24
N LYS A 194 6.62 -3.52 -20.41
CA LYS A 194 5.83 -2.77 -21.41
C LYS A 194 4.33 -3.00 -21.19
N HIS A 195 3.98 -3.98 -20.33
CA HIS A 195 2.59 -4.47 -20.10
C HIS A 195 2.07 -3.93 -18.77
N PHE A 196 1.20 -2.91 -18.80
CA PHE A 196 0.68 -2.22 -17.59
C PHE A 196 -0.03 -3.23 -16.67
N GLU A 197 -0.83 -4.14 -17.24
CA GLU A 197 -1.63 -5.13 -16.48
C GLU A 197 -0.72 -5.96 -15.57
N SER A 198 0.53 -6.21 -15.98
CA SER A 198 1.53 -6.97 -15.20
C SER A 198 1.87 -6.21 -13.90
N PHE A 199 1.97 -4.89 -13.95
CA PHE A 199 2.25 -4.05 -12.75
C PHE A 199 1.05 -4.11 -11.79
N LYS A 200 -0.19 -4.08 -12.30
CA LYS A 200 -1.41 -4.22 -11.44
C LYS A 200 -1.33 -5.55 -10.69
N ARG A 201 -1.04 -6.63 -11.41
CA ARG A 201 -1.00 -8.00 -10.84
C ARG A 201 0.08 -8.10 -9.76
N ALA A 202 1.23 -7.43 -9.96
CA ALA A 202 2.32 -7.42 -8.95
C ALA A 202 1.84 -6.72 -7.67
N ASP A 203 1.05 -5.64 -7.79
CA ASP A 203 0.46 -4.94 -6.61
C ASP A 203 -0.40 -5.93 -5.80
N ILE A 204 -1.16 -6.79 -6.47
CA ILE A 204 -2.10 -7.73 -5.79
C ILE A 204 -1.30 -8.71 -4.93
N TYR A 205 -0.18 -9.22 -5.45
CA TYR A 205 0.71 -10.13 -4.68
C TYR A 205 1.13 -9.43 -3.38
N ALA A 206 1.61 -8.19 -3.47
CA ALA A 206 2.06 -7.40 -2.30
C ALA A 206 0.90 -7.19 -1.34
N MET A 207 -0.30 -6.87 -1.84
CA MET A 207 -1.47 -6.65 -0.96
C MET A 207 -1.79 -7.96 -0.21
N GLY A 208 -1.65 -9.12 -0.86
CA GLY A 208 -1.82 -10.43 -0.20
C GLY A 208 -0.90 -10.57 1.00
N LEU A 209 0.37 -10.16 0.85
CA LEU A 209 1.37 -10.20 1.95
C LEU A 209 0.89 -9.27 3.09
N VAL A 210 0.39 -8.09 2.75
CA VAL A 210 -0.11 -7.11 3.76
C VAL A 210 -1.31 -7.72 4.50
N PHE A 211 -2.22 -8.39 3.79
CA PHE A 211 -3.41 -9.05 4.40
C PHE A 211 -2.94 -10.08 5.44
N TRP A 212 -1.89 -10.84 5.12
CA TRP A 212 -1.31 -11.85 6.03
C TRP A 212 -0.81 -11.15 7.31
N GLU A 213 -0.14 -10.00 7.17
CA GLU A 213 0.36 -9.22 8.35
C GLU A 213 -0.81 -8.82 9.24
N ILE A 214 -1.93 -8.38 8.65
CA ILE A 214 -3.14 -7.93 9.41
C ILE A 214 -3.75 -9.13 10.13
N ALA A 215 -3.97 -10.24 9.41
CA ALA A 215 -4.72 -11.42 9.93
C ALA A 215 -4.02 -12.01 11.16
N ARG A 216 -2.68 -11.97 11.19
CA ARG A 216 -1.89 -12.45 12.36
C ARG A 216 -2.34 -11.73 13.63
N ARG A 217 -2.73 -10.46 13.51
CA ARG A 217 -3.03 -9.58 14.67
C ARG A 217 -4.53 -9.62 15.02
N CYS A 218 -5.32 -10.39 14.28
CA CYS A 218 -6.76 -10.59 14.58
C CYS A 218 -6.89 -11.51 15.79
N SER A 219 -7.27 -10.96 16.95
CA SER A 219 -7.32 -11.67 18.25
C SER A 219 -8.74 -12.14 18.54
N ILE A 220 -8.94 -13.46 18.64
CA ILE A 220 -10.24 -14.11 18.96
C ILE A 220 -10.03 -15.06 20.15
N GLY A 221 -10.83 -14.90 21.20
CA GLY A 221 -10.67 -15.64 22.48
C GLY A 221 -9.29 -15.43 23.08
N GLY A 222 -8.71 -14.24 22.88
CA GLY A 222 -7.39 -13.85 23.41
C GLY A 222 -6.22 -14.43 22.61
N ILE A 223 -6.51 -15.14 21.51
CA ILE A 223 -5.51 -15.89 20.70
C ILE A 223 -5.19 -15.08 19.43
N HIS A 224 -3.90 -14.85 19.18
CA HIS A 224 -3.38 -14.17 17.97
C HIS A 224 -1.91 -14.53 17.80
N GLU A 225 -1.33 -14.22 16.64
CA GLU A 225 0.11 -14.42 16.35
C GLU A 225 0.86 -13.13 16.70
N ASP A 226 2.17 -13.25 16.98
CA ASP A 226 3.07 -12.09 17.13
C ASP A 226 3.11 -11.35 15.79
N TYR A 227 3.34 -10.03 15.81
CA TYR A 227 3.59 -9.29 14.56
C TYR A 227 4.84 -9.88 13.88
N GLN A 228 4.76 -10.17 12.59
CA GLN A 228 5.96 -10.47 11.75
C GLN A 228 5.78 -9.86 10.36
N LEU A 229 6.89 -9.52 9.72
CA LEU A 229 6.95 -9.23 8.26
C LEU A 229 6.78 -10.54 7.49
N PRO A 230 6.25 -10.50 6.26
CA PRO A 230 6.17 -11.70 5.44
C PRO A 230 7.59 -12.24 5.19
N TYR A 231 7.77 -13.56 5.29
CA TYR A 231 9.05 -14.28 5.05
C TYR A 231 10.03 -14.04 6.20
N TYR A 232 9.57 -13.58 7.37
CA TYR A 232 10.40 -13.43 8.60
C TYR A 232 11.12 -14.75 8.91
N ASP A 233 10.52 -15.87 8.49
CA ASP A 233 10.90 -17.26 8.85
C ASP A 233 11.82 -17.87 7.79
N LEU A 234 12.17 -17.13 6.72
CA LEU A 234 12.84 -17.71 5.52
C LEU A 234 13.99 -16.84 4.99
N VAL A 235 14.01 -15.53 5.28
CA VAL A 235 15.05 -14.61 4.72
C VAL A 235 15.61 -13.73 5.83
N PRO A 236 16.83 -13.18 5.65
CA PRO A 236 17.38 -12.24 6.63
C PRO A 236 16.59 -10.92 6.63
N SER A 237 16.79 -10.11 7.67
CA SER A 237 16.35 -8.69 7.69
C SER A 237 17.06 -7.98 6.51
N ASP A 238 16.36 -7.05 5.85
CA ASP A 238 16.85 -6.32 4.66
C ASP A 238 17.35 -7.33 3.62
N PRO A 239 16.49 -8.26 3.14
CA PRO A 239 16.92 -9.32 2.23
C PRO A 239 17.30 -8.79 0.84
N SER A 240 18.21 -9.48 0.15
CA SER A 240 18.61 -9.19 -1.25
C SER A 240 17.57 -9.78 -2.21
N VAL A 241 17.60 -9.34 -3.47
CA VAL A 241 16.75 -9.91 -4.56
C VAL A 241 17.04 -11.41 -4.66
N GLU A 242 18.31 -11.81 -4.60
CA GLU A 242 18.72 -13.24 -4.75
C GLU A 242 18.16 -14.07 -3.60
N GLU A 243 18.25 -13.59 -2.37
CA GLU A 243 17.69 -14.28 -1.17
C GLU A 243 16.18 -14.47 -1.36
N MET A 244 15.47 -13.42 -1.78
CA MET A 244 14.01 -13.46 -2.00
C MET A 244 13.68 -14.41 -3.16
N ARG A 245 14.42 -14.33 -4.27
CA ARG A 245 14.17 -15.15 -5.48
C ARG A 245 14.29 -16.64 -5.13
N LYS A 246 15.30 -17.02 -4.34
CA LYS A 246 15.55 -18.45 -4.00
C LYS A 246 14.37 -19.00 -3.20
N VAL A 247 13.74 -18.18 -2.35
CA VAL A 247 12.60 -18.62 -1.51
C VAL A 247 11.31 -18.59 -2.34
N VAL A 248 11.02 -17.46 -2.99
CA VAL A 248 9.71 -17.19 -3.61
C VAL A 248 9.60 -17.92 -4.96
N CYS A 249 10.67 -17.91 -5.76
CA CYS A 249 10.65 -18.43 -7.16
C CYS A 249 11.13 -19.88 -7.23
N GLU A 250 12.24 -20.23 -6.56
CA GLU A 250 12.86 -21.57 -6.67
C GLU A 250 12.17 -22.56 -5.72
N GLN A 251 12.14 -22.26 -4.42
CA GLN A 251 11.51 -23.16 -3.40
C GLN A 251 9.99 -22.98 -3.45
N LYS A 252 9.51 -21.86 -4.02
CA LYS A 252 8.07 -21.58 -4.26
C LYS A 252 7.31 -21.54 -2.92
N LEU A 253 7.90 -20.94 -1.90
CA LEU A 253 7.26 -20.79 -0.58
C LEU A 253 6.53 -19.44 -0.50
N ARG A 254 5.50 -19.41 0.34
CA ARG A 254 4.71 -18.21 0.68
C ARG A 254 4.62 -18.16 2.19
N PRO A 255 4.17 -17.03 2.79
CA PRO A 255 3.96 -17.01 4.24
C PRO A 255 3.01 -18.14 4.68
N ASN A 256 3.29 -18.75 5.83
CA ASN A 256 2.50 -19.90 6.36
C ASN A 256 1.14 -19.39 6.85
N ILE A 257 0.07 -20.12 6.55
CA ILE A 257 -1.31 -19.86 7.04
C ILE A 257 -1.50 -20.62 8.35
N PRO A 258 -1.58 -19.95 9.52
CA PRO A 258 -1.85 -20.62 10.79
C PRO A 258 -3.13 -21.47 10.72
N ASN A 259 -3.10 -22.64 11.37
CA ASN A 259 -4.26 -23.57 11.47
C ASN A 259 -5.43 -22.86 12.16
N ARG A 260 -5.13 -21.94 13.09
CA ARG A 260 -6.11 -21.12 13.84
C ARG A 260 -7.11 -20.44 12.90
N TRP A 261 -6.68 -20.01 11.71
CA TRP A 261 -7.47 -19.17 10.77
C TRP A 261 -8.63 -19.96 10.15
N GLN A 262 -8.65 -21.30 10.34
CA GLN A 262 -9.75 -22.18 9.84
C GLN A 262 -10.92 -22.19 10.84
N SER A 263 -10.72 -21.68 12.06
CA SER A 263 -11.72 -21.69 13.16
C SER A 263 -12.74 -20.56 13.01
N CYS A 264 -12.48 -19.61 12.09
CA CYS A 264 -13.24 -18.34 11.94
C CYS A 264 -13.51 -18.05 10.46
N GLU A 265 -14.77 -17.80 10.10
CA GLU A 265 -15.22 -17.58 8.70
C GLU A 265 -14.48 -16.39 8.08
N ALA A 266 -14.31 -15.31 8.83
CA ALA A 266 -13.59 -14.08 8.40
C ALA A 266 -12.13 -14.44 8.05
N LEU A 267 -11.45 -15.17 8.93
CA LEU A 267 -10.03 -15.56 8.71
C LEU A 267 -9.93 -16.59 7.57
N ARG A 268 -10.92 -17.48 7.43
CA ARG A 268 -10.97 -18.46 6.31
CA ARG A 268 -10.97 -18.46 6.31
C ARG A 268 -11.02 -17.72 4.98
N VAL A 269 -11.88 -16.70 4.88
CA VAL A 269 -12.05 -15.88 3.65
C VAL A 269 -10.76 -15.08 3.41
N MET A 270 -10.15 -14.51 4.45
CA MET A 270 -8.88 -13.75 4.33
C MET A 270 -7.78 -14.68 3.81
N ALA A 271 -7.67 -15.89 4.35
CA ALA A 271 -6.66 -16.90 3.97
C ALA A 271 -6.83 -17.28 2.50
N LYS A 272 -8.08 -17.46 2.04
CA LYS A 272 -8.40 -17.83 0.64
C LYS A 272 -7.98 -16.68 -0.29
N ILE A 273 -8.25 -15.43 0.09
CA ILE A 273 -7.82 -14.24 -0.71
C ILE A 273 -6.29 -14.26 -0.82
N MET A 274 -5.58 -14.48 0.28
CA MET A 274 -4.09 -14.49 0.28
C MET A 274 -3.57 -15.50 -0.75
N ARG A 275 -4.05 -16.75 -0.69
CA ARG A 275 -3.53 -17.80 -1.61
CA ARG A 275 -3.60 -17.83 -1.61
C ARG A 275 -3.82 -17.39 -3.06
N GLU A 276 -4.96 -16.73 -3.31
CA GLU A 276 -5.36 -16.31 -4.69
C GLU A 276 -4.69 -14.99 -5.08
N CYS A 277 -3.90 -14.38 -4.19
CA CYS A 277 -2.99 -13.24 -4.50
C CYS A 277 -1.57 -13.75 -4.78
N TRP A 278 -1.25 -14.99 -4.40
CA TRP A 278 0.16 -15.46 -4.25
C TRP A 278 0.59 -16.39 -5.39
N TYR A 279 -0.27 -16.66 -6.36
CA TYR A 279 0.10 -17.46 -7.56
C TYR A 279 1.35 -16.84 -8.20
N ALA A 280 2.27 -17.68 -8.64
CA ALA A 280 3.49 -17.26 -9.38
C ALA A 280 3.10 -16.48 -10.63
N ASN A 281 2.06 -16.92 -11.35
CA ASN A 281 1.55 -16.28 -12.58
C ASN A 281 0.56 -15.17 -12.19
N GLY A 282 0.92 -13.91 -12.48
CA GLY A 282 0.09 -12.73 -12.19
C GLY A 282 -1.31 -12.83 -12.77
N ALA A 283 -1.45 -13.46 -13.95
CA ALA A 283 -2.73 -13.59 -14.69
C ALA A 283 -3.75 -14.44 -13.89
N ALA A 284 -3.27 -15.27 -12.96
CA ALA A 284 -4.12 -16.16 -12.13
C ALA A 284 -4.66 -15.42 -10.89
N ARG A 285 -4.06 -14.28 -10.52
CA ARG A 285 -4.37 -13.58 -9.25
C ARG A 285 -5.73 -12.89 -9.32
N LEU A 286 -6.37 -12.72 -8.16
CA LEU A 286 -7.60 -11.89 -8.00
C LEU A 286 -7.31 -10.47 -8.48
N THR A 287 -8.36 -9.72 -8.85
CA THR A 287 -8.28 -8.24 -9.04
C THR A 287 -8.58 -7.56 -7.71
N ALA A 288 -8.13 -6.31 -7.55
CA ALA A 288 -8.45 -5.47 -6.37
C ALA A 288 -9.97 -5.33 -6.25
N LEU A 289 -10.67 -5.15 -7.37
CA LEU A 289 -12.15 -4.95 -7.38
C LEU A 289 -12.85 -6.21 -6.85
N ARG A 290 -12.42 -7.40 -7.27
CA ARG A 290 -13.00 -8.69 -6.80
C ARG A 290 -12.75 -8.82 -5.30
N ILE A 291 -11.55 -8.47 -4.82
CA ILE A 291 -11.20 -8.53 -3.37
C ILE A 291 -12.10 -7.56 -2.61
N LYS A 292 -12.27 -6.34 -3.12
CA LYS A 292 -13.14 -5.31 -2.50
C LYS A 292 -14.56 -5.87 -2.37
N LYS A 293 -15.09 -6.47 -3.45
CA LYS A 293 -16.46 -7.06 -3.50
C LYS A 293 -16.58 -8.16 -2.42
N THR A 294 -15.61 -9.08 -2.36
CA THR A 294 -15.61 -10.22 -1.42
C THR A 294 -15.61 -9.71 0.04
N LEU A 295 -14.75 -8.74 0.37
CA LEU A 295 -14.60 -8.23 1.76
C LEU A 295 -15.83 -7.39 2.13
N SER A 296 -16.44 -6.69 1.15
CA SER A 296 -17.70 -5.91 1.37
CA SER A 296 -17.70 -5.91 1.37
C SER A 296 -18.82 -6.86 1.79
N GLN A 297 -18.96 -7.99 1.07
CA GLN A 297 -19.97 -9.04 1.36
C GLN A 297 -19.69 -9.63 2.74
N LEU A 298 -18.43 -9.98 3.03
CA LEU A 298 -18.00 -10.58 4.31
C LEU A 298 -18.34 -9.65 5.49
N SER A 299 -18.16 -8.33 5.30
CA SER A 299 -18.32 -7.30 6.37
CA SER A 299 -18.31 -7.31 6.38
C SER A 299 -19.77 -7.28 6.90
N GLN A 300 -20.73 -7.63 6.05
CA GLN A 300 -22.19 -7.55 6.35
C GLN A 300 -22.78 -8.91 6.74
N GLN A 301 -21.99 -9.98 6.76
CA GLN A 301 -22.47 -11.36 7.03
C GLN A 301 -22.95 -11.50 8.48
N GLU A 302 -23.99 -12.31 8.70
CA GLU A 302 -24.51 -12.68 10.04
C GLU A 302 -23.39 -13.40 10.82
N GLY A 303 -23.09 -12.95 12.04
CA GLY A 303 -22.02 -13.49 12.89
C GLY A 303 -20.73 -12.66 12.78
N ILE A 304 -20.59 -11.88 11.71
CA ILE A 304 -19.43 -10.96 11.46
C ILE A 304 -19.86 -9.53 11.82
N LYS A 305 -20.93 -9.04 11.18
CA LYS A 305 -21.49 -7.67 11.36
C LYS A 305 -22.00 -7.52 12.80
C2 A1L30 B . 3.76 9.60 6.40
C4 A1L30 B . 2.11 10.31 7.77
C5 A1L30 B . 2.93 9.64 8.66
C7 A1L30 B . 2.87 9.45 10.11
C8 A1L30 B . 3.81 8.88 10.95
C9 A1L30 B . 3.32 8.94 12.26
C10 A1L30 B . 2.08 9.55 12.19
C12 A1L30 B . 0.90 11.01 7.95
C15 A1L30 B . 4.29 10.41 4.18
C16 A1L30 B . 3.84 11.70 4.28
C19 A1L30 B . 4.57 10.21 2.82
N1 A1L30 B . 4.47 9.49 5.23
N3 A1L30 B . 2.65 10.27 6.47
S6 A1L30 B . 4.30 8.91 7.88
N11 A1L30 B . 1.83 9.85 10.90
N13 A1L30 B . 0.32 11.45 6.83
O14 A1L30 B . 0.40 11.21 9.05
N17 A1L30 B . 3.83 12.21 3.02
N18 A1L30 B . 4.31 11.30 2.12
C20 A1L30 B . 3.48 13.55 2.62
C21 A1L30 B . 2.74 13.62 1.36
C22 A1L30 B . 2.01 13.80 0.36
C23 A1L30 B . 1.22 14.16 -0.81
C24 A1L30 B . 5.48 8.42 5.08
C25 A1L30 B . 4.83 7.07 4.99
C26 A1L30 B . 4.27 6.61 3.69
C27 A1L30 B . 5.52 5.99 4.22
C28 A1L30 B . 4.05 8.43 13.43
O29 A1L30 B . 4.74 7.42 13.26
N30 A1L30 B . 4.04 9.00 14.65
C31 A1L30 B . 4.71 8.38 15.80
C32 A1L30 B . 3.39 10.28 14.95
C1 EDO C . 19.34 31.43 -1.96
O1 EDO C . 18.34 32.29 -1.47
C2 EDO C . 19.87 30.50 -0.95
O2 EDO C . 18.99 29.43 -0.63
C1 EDO D . 3.97 -4.16 -5.67
O1 EDO D . 3.27 -3.05 -5.16
C2 EDO D . 5.09 -4.57 -4.80
O2 EDO D . 5.45 -5.93 -5.00
C1 EDO E . -4.19 -3.65 22.04
O1 EDO E . -4.78 -3.61 20.75
C2 EDO E . -4.42 -4.92 22.75
O2 EDO E . -3.82 -6.03 22.10
C1 EDO F . 3.93 16.75 -17.42
O1 EDO F . 3.43 17.46 -18.53
C2 EDO F . 4.76 17.59 -16.52
O2 EDO F . 5.88 18.20 -17.15
#